data_1OZY
#
_entry.id   1OZY
#
_cell.length_a   53.522
_cell.length_b   53.522
_cell.length_c   148.272
_cell.angle_alpha   90.00
_cell.angle_beta   90.00
_cell.angle_gamma   90.00
#
_symmetry.space_group_name_H-M   'P 41'
#
loop_
_entity.id
_entity.type
_entity.pdbx_description
1 polymer 'PHOSPHOLIPASE A2'
2 non-polymer 'SULFATE ION'
3 water water
#
_entity_poly.entity_id   1
_entity_poly.type   'polypeptide(L)'
_entity_poly.pdbx_seq_one_letter_code
;NLLQFRKMIKCTIPGIEPLLAFSNYGCYCGKGGSGTPVDELDRCCQTHDYCYDKAKIHPECRGILSGPSFNTYAYDCTDG
KLTCNDQKDKCKLFICNCDRTAAMCFAKAPYKEENNRIDAS
;
_entity_poly.pdbx_strand_id   A,B
#
loop_
_chem_comp.id
_chem_comp.type
_chem_comp.name
_chem_comp.formula
SO4 non-polymer 'SULFATE ION' 'O4 S -2'
#
# COMPACT_ATOMS: atom_id res chain seq x y z
N ASN A 1 15.41 -11.37 -8.46
CA ASN A 1 14.30 -12.18 -7.88
C ASN A 1 14.74 -13.62 -7.63
N LEU A 2 13.89 -14.36 -6.92
CA LEU A 2 14.16 -15.75 -6.58
C LEU A 2 14.74 -16.54 -7.71
N LEU A 3 14.03 -16.51 -8.83
CA LEU A 3 14.44 -17.25 -10.00
C LEU A 3 15.89 -16.97 -10.37
N GLN A 4 16.29 -15.70 -10.31
CA GLN A 4 17.64 -15.26 -10.64
C GLN A 4 18.70 -15.77 -9.67
N PHE A 5 18.44 -15.66 -8.38
CA PHE A 5 19.38 -16.14 -7.38
C PHE A 5 19.55 -17.64 -7.56
N ARG A 6 18.54 -18.26 -8.16
CA ARG A 6 18.60 -19.68 -8.37
C ARG A 6 19.68 -19.90 -9.40
N LYS A 7 19.50 -19.33 -10.59
CA LYS A 7 20.49 -19.50 -11.64
C LYS A 7 21.89 -19.10 -11.16
N MET A 8 21.96 -18.14 -10.24
CA MET A 8 23.25 -17.73 -9.75
C MET A 8 23.91 -18.96 -9.16
N ILE A 9 23.32 -19.53 -8.13
CA ILE A 9 23.90 -20.72 -7.47
C ILE A 9 24.38 -21.74 -8.52
N LYS A 10 23.68 -21.81 -9.66
CA LYS A 10 24.04 -22.73 -10.72
C LYS A 10 25.31 -22.35 -11.48
N CYS A 11 25.41 -21.06 -11.73
CA CYS A 11 26.53 -20.52 -12.45
C CYS A 11 27.81 -20.86 -11.70
N THR A 12 27.72 -20.85 -10.38
CA THR A 12 28.85 -21.14 -9.52
C THR A 12 28.93 -22.60 -9.06
N ILE A 13 27.94 -23.41 -9.40
CA ILE A 13 27.94 -24.81 -8.99
C ILE A 13 27.33 -25.72 -10.07
N PRO A 14 27.93 -25.74 -11.26
CA PRO A 14 27.42 -26.56 -12.35
C PRO A 14 27.10 -28.00 -11.99
N GLY A 15 25.85 -28.38 -12.25
CA GLY A 15 25.40 -29.72 -12.00
C GLY A 15 24.26 -29.83 -11.00
N ILE A 16 24.29 -28.97 -9.99
CA ILE A 16 23.30 -28.96 -8.92
C ILE A 16 21.95 -28.31 -9.25
N GLU A 17 20.91 -28.82 -8.59
CA GLU A 17 19.55 -28.30 -8.71
C GLU A 17 19.25 -27.63 -7.38
N PRO A 18 19.31 -26.29 -7.38
CA PRO A 18 19.06 -25.47 -6.19
C PRO A 18 17.83 -25.88 -5.38
N LEU A 19 16.66 -25.73 -6.00
CA LEU A 19 15.39 -26.05 -5.39
C LEU A 19 15.40 -27.43 -4.78
N LEU A 20 16.38 -28.23 -5.18
CA LEU A 20 16.49 -29.60 -4.72
C LEU A 20 17.51 -29.86 -3.62
N ALA A 21 18.76 -29.42 -3.80
CA ALA A 21 19.81 -29.64 -2.82
C ALA A 21 19.83 -28.68 -1.64
N PHE A 22 19.68 -27.38 -1.92
CA PHE A 22 19.72 -26.33 -0.93
C PHE A 22 18.39 -26.02 -0.25
N SER A 23 17.38 -26.82 -0.54
CA SER A 23 16.07 -26.61 0.04
C SER A 23 15.81 -27.54 1.21
N ASN A 24 15.42 -26.99 2.35
CA ASN A 24 15.14 -27.78 3.55
C ASN A 24 16.41 -28.32 4.15
N TYR A 25 17.49 -27.59 3.95
CA TYR A 25 18.79 -27.97 4.48
C TYR A 25 19.06 -27.20 5.77
N GLY A 26 19.67 -27.90 6.73
CA GLY A 26 20.00 -27.32 8.01
C GLY A 26 18.79 -26.61 8.58
N CYS A 27 18.98 -25.40 9.12
CA CYS A 27 17.86 -24.65 9.68
C CYS A 27 17.61 -23.38 8.91
N TYR A 28 18.68 -22.63 8.65
CA TYR A 28 18.50 -21.36 7.97
C TYR A 28 18.44 -21.35 6.48
N CYS A 29 18.14 -22.50 5.85
CA CYS A 29 18.10 -22.49 4.38
C CYS A 29 16.75 -23.06 3.90
N GLY A 30 16.04 -23.77 4.77
CA GLY A 30 14.76 -24.34 4.37
C GLY A 30 13.69 -23.33 4.70
N LYS A 31 13.63 -22.90 5.98
CA LYS A 31 12.63 -21.95 6.41
C LYS A 31 13.22 -20.71 7.08
N GLY A 32 14.23 -20.91 7.92
CA GLY A 32 14.83 -19.80 8.64
C GLY A 32 14.13 -19.60 9.96
N GLY A 33 14.76 -20.02 11.06
CA GLY A 33 14.11 -19.84 12.34
C GLY A 33 14.30 -20.86 13.43
N SER A 34 15.50 -21.44 13.43
CA SER A 34 15.81 -22.39 14.46
C SER A 34 17.00 -21.54 14.89
N GLY A 35 17.71 -21.84 15.96
CA GLY A 35 18.84 -20.97 16.25
C GLY A 35 20.10 -21.79 16.21
N THR A 36 21.18 -21.20 15.70
CA THR A 36 22.51 -21.83 15.63
C THR A 36 22.77 -22.59 14.33
N PRO A 37 23.49 -21.94 13.40
CA PRO A 37 23.82 -22.54 12.11
C PRO A 37 24.47 -23.89 12.36
N VAL A 38 24.66 -24.67 11.30
CA VAL A 38 25.26 -25.98 11.48
C VAL A 38 26.24 -26.33 10.38
N ASP A 39 26.62 -25.34 9.56
CA ASP A 39 27.54 -25.62 8.44
C ASP A 39 28.14 -24.35 7.87
N GLU A 40 29.34 -24.44 7.30
CA GLU A 40 29.99 -23.27 6.71
C GLU A 40 29.23 -22.85 5.46
N LEU A 41 28.30 -23.71 5.04
CA LEU A 41 27.44 -23.45 3.89
C LEU A 41 26.13 -22.90 4.46
N ASP A 42 25.64 -23.54 5.52
CA ASP A 42 24.42 -23.14 6.19
C ASP A 42 24.71 -21.77 6.81
N ARG A 43 25.90 -21.64 7.39
CA ARG A 43 26.33 -20.40 8.01
C ARG A 43 26.07 -19.28 7.03
N CYS A 44 26.11 -19.56 5.74
CA CYS A 44 25.86 -18.44 4.86
C CYS A 44 24.50 -18.30 4.22
N CYS A 45 23.45 -18.83 4.87
CA CYS A 45 22.09 -18.64 4.32
C CYS A 45 21.52 -17.65 5.26
N GLN A 46 22.00 -17.75 6.48
CA GLN A 46 21.52 -16.89 7.53
C GLN A 46 22.02 -15.52 7.17
N THR A 47 23.17 -15.52 6.49
CA THR A 47 23.80 -14.31 6.01
C THR A 47 22.93 -13.77 4.89
N HIS A 48 22.34 -14.70 4.14
CA HIS A 48 21.49 -14.37 3.01
C HIS A 48 20.21 -13.75 3.57
N ASP A 49 19.58 -14.43 4.51
CA ASP A 49 18.36 -13.89 5.09
C ASP A 49 18.64 -12.49 5.62
N TYR A 50 19.52 -12.40 6.62
CA TYR A 50 19.85 -11.12 7.21
C TYR A 50 20.11 -10.12 6.11
N CYS A 51 20.69 -10.59 5.01
CA CYS A 51 21.01 -9.74 3.87
C CYS A 51 19.74 -9.18 3.21
N TYR A 52 18.69 -9.98 3.11
CA TYR A 52 17.42 -9.54 2.51
C TYR A 52 16.72 -8.53 3.39
N ASP A 53 16.82 -8.72 4.70
CA ASP A 53 16.19 -7.78 5.62
C ASP A 53 16.83 -6.41 5.43
N LYS A 54 18.17 -6.42 5.43
CA LYS A 54 19.00 -5.23 5.26
C LYS A 54 18.53 -4.52 4.00
N ALA A 55 18.24 -5.30 2.97
CA ALA A 55 17.79 -4.80 1.67
C ALA A 55 16.30 -4.35 1.71
N LYS A 56 15.46 -5.10 2.43
CA LYS A 56 14.05 -4.74 2.55
C LYS A 56 13.78 -3.50 3.37
N ILE A 57 14.84 -2.88 3.86
CA ILE A 57 14.66 -1.70 4.69
C ILE A 57 15.39 -0.55 4.02
N HIS A 58 16.45 -0.90 3.34
CA HIS A 58 17.29 0.02 2.60
C HIS A 58 16.48 1.21 2.07
N PRO A 59 16.98 2.43 2.28
CA PRO A 59 16.31 3.65 1.83
C PRO A 59 16.06 3.69 0.33
N GLU A 60 17.07 3.25 -0.43
CA GLU A 60 17.01 3.23 -1.88
C GLU A 60 16.03 2.28 -2.55
N CYS A 61 15.37 1.41 -1.79
CA CYS A 61 14.40 0.52 -2.41
C CYS A 61 13.01 1.00 -2.05
N ARG A 62 12.29 1.58 -3.02
CA ARG A 62 10.95 2.08 -2.74
C ARG A 62 9.84 1.48 -3.64
N GLY A 63 9.87 1.85 -4.91
CA GLY A 63 8.88 1.42 -5.89
C GLY A 63 7.96 0.23 -5.65
N ILE A 64 7.42 -0.28 -6.75
CA ILE A 64 6.54 -1.44 -6.75
C ILE A 64 7.46 -2.59 -7.15
N LEU A 65 7.32 -3.74 -6.51
CA LEU A 65 8.17 -4.87 -6.82
C LEU A 65 9.65 -4.53 -6.59
N SER A 66 9.96 -4.12 -5.37
CA SER A 66 11.31 -3.75 -4.98
C SER A 66 11.79 -4.74 -3.91
N GLY A 67 10.85 -5.50 -3.36
CA GLY A 67 11.19 -6.49 -2.36
C GLY A 67 12.24 -7.39 -2.97
N PRO A 68 13.12 -7.96 -2.14
CA PRO A 68 14.17 -8.83 -2.65
C PRO A 68 13.70 -10.18 -3.26
N SER A 69 12.45 -10.55 -3.02
CA SER A 69 11.90 -11.79 -3.57
C SER A 69 11.39 -11.55 -5.00
N PHE A 70 11.00 -10.32 -5.30
CA PHE A 70 10.48 -9.94 -6.62
C PHE A 70 11.30 -8.85 -7.33
N ASN A 71 12.60 -8.74 -7.05
CA ASN A 71 13.38 -7.69 -7.70
C ASN A 71 14.32 -8.21 -8.79
N THR A 72 13.97 -7.95 -10.04
CA THR A 72 14.76 -8.39 -11.18
C THR A 72 15.91 -7.44 -11.43
N TYR A 73 17.08 -7.74 -10.88
CA TYR A 73 18.24 -6.88 -11.05
C TYR A 73 19.02 -7.18 -12.32
N ALA A 74 20.12 -6.47 -12.51
CA ALA A 74 20.97 -6.68 -13.67
C ALA A 74 22.22 -7.45 -13.21
N TYR A 75 22.64 -8.43 -14.00
CA TYR A 75 23.81 -9.24 -13.67
C TYR A 75 24.10 -10.15 -14.84
N ASP A 76 25.16 -10.94 -14.73
CA ASP A 76 25.52 -11.86 -15.80
C ASP A 76 26.28 -13.03 -15.24
N CYS A 77 26.37 -14.08 -16.05
CA CYS A 77 27.15 -15.23 -15.68
C CYS A 77 27.93 -15.55 -16.94
N THR A 78 29.23 -15.32 -16.88
CA THR A 78 30.10 -15.58 -18.02
C THR A 78 31.16 -16.63 -17.64
N ASP A 79 31.30 -17.61 -18.52
CA ASP A 79 32.21 -18.75 -18.35
C ASP A 79 33.09 -18.73 -17.11
N GLY A 80 32.47 -18.93 -15.95
CA GLY A 80 33.21 -18.96 -14.70
C GLY A 80 32.55 -18.35 -13.48
N LYS A 81 32.46 -17.02 -13.48
CA LYS A 81 31.88 -16.28 -12.35
C LYS A 81 30.77 -15.38 -12.86
N LEU A 82 30.06 -14.76 -11.92
CA LEU A 82 28.99 -13.86 -12.25
C LEU A 82 29.25 -12.53 -11.55
N THR A 83 29.18 -11.45 -12.31
CA THR A 83 29.43 -10.11 -11.79
C THR A 83 28.25 -9.21 -12.06
N CYS A 84 27.74 -8.58 -11.01
CA CYS A 84 26.60 -7.68 -11.15
C CYS A 84 26.91 -6.53 -12.15
N ASN A 85 25.87 -5.90 -12.68
CA ASN A 85 26.03 -4.80 -13.64
C ASN A 85 25.00 -3.68 -13.53
N ASP A 86 24.46 -3.48 -12.32
CA ASP A 86 23.47 -2.43 -12.07
C ASP A 86 24.07 -1.30 -11.23
N GLN A 87 24.21 -0.12 -11.83
CA GLN A 87 24.80 1.03 -11.16
C GLN A 87 23.72 1.97 -10.68
N LYS A 88 22.96 2.48 -11.66
CA LYS A 88 21.87 3.43 -11.43
C LYS A 88 21.04 3.06 -10.20
N ASP A 89 20.60 1.81 -10.15
CA ASP A 89 19.81 1.33 -9.01
C ASP A 89 20.71 0.90 -7.89
N LYS A 90 21.02 1.79 -6.95
CA LYS A 90 21.85 1.33 -5.88
C LYS A 90 21.00 0.38 -5.01
N CYS A 91 19.76 0.15 -5.42
CA CYS A 91 18.90 -0.79 -4.71
C CYS A 91 19.15 -2.13 -5.41
N LYS A 92 18.61 -2.31 -6.61
CA LYS A 92 18.82 -3.54 -7.35
C LYS A 92 20.29 -3.97 -7.37
N LEU A 93 21.22 -3.02 -7.22
CA LEU A 93 22.64 -3.34 -7.20
C LEU A 93 22.99 -4.01 -5.89
N PHE A 94 22.42 -3.49 -4.81
CA PHE A 94 22.65 -4.05 -3.50
C PHE A 94 22.10 -5.47 -3.42
N ILE A 95 20.90 -5.69 -3.95
CA ILE A 95 20.33 -7.03 -3.87
C ILE A 95 21.21 -8.08 -4.54
N CYS A 96 21.45 -7.91 -5.84
CA CYS A 96 22.26 -8.86 -6.58
C CYS A 96 23.31 -9.45 -5.64
N ASN A 97 24.18 -8.59 -5.12
CA ASN A 97 25.26 -9.03 -4.27
C ASN A 97 24.83 -9.93 -3.12
N CYS A 98 23.63 -9.71 -2.57
CA CYS A 98 23.18 -10.59 -1.49
C CYS A 98 23.16 -11.96 -2.13
N ASP A 99 22.67 -11.99 -3.36
CA ASP A 99 22.57 -13.23 -4.08
C ASP A 99 23.92 -13.66 -4.67
N ARG A 100 24.76 -12.71 -5.08
CA ARG A 100 26.06 -13.09 -5.64
C ARG A 100 26.96 -13.65 -4.56
N THR A 101 26.88 -13.03 -3.37
CA THR A 101 27.67 -13.44 -2.20
C THR A 101 27.40 -14.88 -1.79
N ALA A 102 26.13 -15.20 -1.52
CA ALA A 102 25.75 -16.55 -1.13
C ALA A 102 25.98 -17.52 -2.28
N ALA A 103 25.58 -17.12 -3.47
CA ALA A 103 25.75 -17.96 -4.65
C ALA A 103 27.22 -18.36 -4.75
N MET A 104 28.11 -17.44 -4.39
CA MET A 104 29.52 -17.74 -4.47
C MET A 104 30.00 -18.42 -3.19
N CYS A 105 29.34 -18.15 -2.05
CA CYS A 105 29.71 -18.78 -0.77
C CYS A 105 29.51 -20.26 -0.92
N PHE A 106 28.27 -20.63 -1.23
CA PHE A 106 27.90 -22.01 -1.42
C PHE A 106 28.99 -22.74 -2.21
N ALA A 107 29.43 -22.15 -3.32
CA ALA A 107 30.47 -22.76 -4.16
C ALA A 107 31.54 -23.44 -3.32
N LYS A 108 32.47 -22.64 -2.80
CA LYS A 108 33.54 -23.16 -1.95
C LYS A 108 32.95 -24.01 -0.84
N ALA A 109 32.22 -23.33 0.04
CA ALA A 109 31.59 -23.97 1.19
C ALA A 109 31.20 -25.43 0.98
N PRO A 110 31.53 -26.30 1.94
CA PRO A 110 31.25 -27.73 1.91
C PRO A 110 29.79 -28.08 2.13
N TYR A 111 29.35 -29.16 1.49
CA TYR A 111 27.99 -29.67 1.60
C TYR A 111 28.15 -31.03 2.29
N LYS A 112 27.36 -31.29 3.32
CA LYS A 112 27.50 -32.55 4.04
C LYS A 112 26.18 -33.24 4.37
N GLU A 113 25.68 -34.01 3.41
CA GLU A 113 24.42 -34.76 3.52
C GLU A 113 23.93 -34.96 4.94
N GLU A 114 24.82 -35.48 5.78
CA GLU A 114 24.53 -35.77 7.18
C GLU A 114 23.53 -34.81 7.85
N ASN A 115 23.36 -33.62 7.28
CA ASN A 115 22.46 -32.62 7.84
C ASN A 115 21.17 -32.27 7.09
N ASN A 116 21.14 -32.50 5.78
CA ASN A 116 19.99 -32.17 4.92
C ASN A 116 18.62 -32.09 5.62
N ARG A 117 18.06 -33.23 6.02
CA ARG A 117 16.77 -33.20 6.72
C ARG A 117 16.99 -33.57 8.21
N ILE A 118 16.99 -32.55 9.07
CA ILE A 118 17.24 -32.72 10.51
C ILE A 118 16.12 -33.27 11.42
N ASP A 119 15.34 -32.35 12.00
CA ASP A 119 14.25 -32.67 12.93
C ASP A 119 14.00 -31.36 13.72
N ALA A 120 14.99 -31.01 14.55
CA ALA A 120 14.98 -29.80 15.37
C ALA A 120 16.43 -29.29 15.43
N SER A 121 16.65 -28.12 16.01
CA SER A 121 17.99 -27.54 16.11
C SER A 121 19.05 -28.60 16.40
N ASN B 1 -14.57 14.14 -5.33
CA ASN B 1 -13.54 14.89 -4.59
C ASN B 1 -14.10 16.13 -3.88
N LEU B 2 -13.53 16.46 -2.72
CA LEU B 2 -14.00 17.58 -1.92
C LEU B 2 -14.11 18.91 -2.64
N LEU B 3 -13.54 19.00 -3.83
CA LEU B 3 -13.65 20.24 -4.59
C LEU B 3 -14.93 20.12 -5.39
N GLN B 4 -15.34 18.89 -5.64
CA GLN B 4 -16.56 18.59 -6.40
C GLN B 4 -17.77 18.79 -5.53
N PHE B 5 -17.62 18.48 -4.25
CA PHE B 5 -18.72 18.60 -3.30
C PHE B 5 -18.99 20.06 -2.96
N ARG B 6 -17.97 20.89 -2.95
CA ARG B 6 -18.19 22.29 -2.61
C ARG B 6 -19.08 22.96 -3.63
N LYS B 7 -18.67 22.98 -4.89
CA LYS B 7 -19.53 23.62 -5.88
C LYS B 7 -20.66 22.77 -6.41
N MET B 8 -21.05 21.81 -5.59
CA MET B 8 -22.18 20.95 -5.87
C MET B 8 -23.11 21.65 -4.91
N ILE B 9 -22.59 21.93 -3.72
CA ILE B 9 -23.35 22.64 -2.69
C ILE B 9 -23.78 23.95 -3.33
N LYS B 10 -22.80 24.70 -3.84
CA LYS B 10 -23.08 25.96 -4.52
C LYS B 10 -24.23 25.79 -5.53
N CYS B 11 -24.40 24.57 -6.03
CA CYS B 11 -25.46 24.27 -6.98
C CYS B 11 -26.81 24.36 -6.27
N THR B 12 -26.85 23.86 -5.05
CA THR B 12 -28.06 23.85 -4.24
C THR B 12 -28.32 25.14 -3.44
N ILE B 13 -27.34 26.03 -3.39
CA ILE B 13 -27.45 27.27 -2.62
C ILE B 13 -26.50 28.32 -3.20
N PRO B 14 -26.78 28.83 -4.41
CA PRO B 14 -25.93 29.84 -5.06
C PRO B 14 -25.60 31.05 -4.23
N GLY B 15 -24.44 31.65 -4.51
CA GLY B 15 -24.02 32.84 -3.82
C GLY B 15 -23.48 32.61 -2.43
N ILE B 16 -23.07 31.39 -2.14
CA ILE B 16 -22.52 31.10 -0.83
C ILE B 16 -21.12 30.54 -1.04
N GLU B 17 -20.35 30.49 0.03
CA GLU B 17 -19.01 29.92 -0.03
C GLU B 17 -18.96 28.80 1.01
N PRO B 18 -19.27 27.58 0.59
CA PRO B 18 -19.26 26.44 1.49
C PRO B 18 -18.07 26.42 2.44
N LEU B 19 -16.90 26.75 1.93
CA LEU B 19 -15.71 26.73 2.75
C LEU B 19 -15.83 27.37 4.12
N LEU B 20 -16.36 28.60 4.16
CA LEU B 20 -16.48 29.32 5.42
C LEU B 20 -17.89 29.36 6.06
N ALA B 21 -18.88 28.74 5.41
CA ALA B 21 -20.25 28.71 5.93
C ALA B 21 -20.61 27.41 6.64
N PHE B 22 -20.18 26.28 6.09
CA PHE B 22 -20.46 24.96 6.67
C PHE B 22 -19.32 24.28 7.40
N SER B 23 -18.17 24.93 7.50
CA SER B 23 -17.06 24.38 8.24
C SER B 23 -17.01 25.31 9.44
N ASN B 24 -16.81 24.75 10.64
CA ASN B 24 -16.79 25.53 11.87
C ASN B 24 -18.17 25.40 12.52
N TYR B 25 -19.18 25.19 11.68
CA TYR B 25 -20.56 25.09 12.12
C TYR B 25 -20.92 23.84 12.93
N GLY B 26 -21.49 24.09 14.11
CA GLY B 26 -21.92 23.03 15.00
C GLY B 26 -20.91 21.97 15.40
N CYS B 27 -21.42 20.80 15.75
CA CYS B 27 -20.56 19.68 16.18
C CYS B 27 -19.93 18.88 15.04
N TYR B 28 -20.62 18.76 13.90
CA TYR B 28 -20.06 17.95 12.82
C TYR B 28 -19.78 18.60 11.46
N CYS B 29 -20.27 19.79 11.20
CA CYS B 29 -19.97 20.36 9.90
C CYS B 29 -18.55 20.91 9.80
N GLY B 30 -17.58 20.02 10.00
CA GLY B 30 -16.19 20.42 9.92
C GLY B 30 -15.26 19.24 9.78
N LYS B 31 -14.48 18.98 10.82
CA LYS B 31 -13.54 17.87 10.86
C LYS B 31 -13.57 17.19 12.23
N GLY B 32 -14.66 17.39 12.96
CA GLY B 32 -14.76 16.80 14.27
C GLY B 32 -15.55 15.51 14.27
N GLY B 33 -16.49 15.41 15.19
CA GLY B 33 -17.31 14.22 15.27
C GLY B 33 -17.42 13.64 16.66
N SER B 34 -17.84 14.47 17.63
CA SER B 34 -17.98 14.01 19.01
C SER B 34 -19.13 14.71 19.74
N GLY B 35 -20.21 13.98 19.96
CA GLY B 35 -21.35 14.53 20.66
C GLY B 35 -22.65 14.54 19.88
N THR B 36 -23.72 14.92 20.55
CA THR B 36 -25.03 14.98 19.93
C THR B 36 -25.04 16.24 19.07
N PRO B 37 -25.46 16.12 17.80
CA PRO B 37 -25.52 17.26 16.88
C PRO B 37 -26.38 18.36 17.46
N VAL B 38 -26.06 19.60 17.13
CA VAL B 38 -26.80 20.71 17.66
C VAL B 38 -28.04 21.08 16.86
N ASP B 39 -27.91 21.09 15.54
CA ASP B 39 -29.03 21.44 14.67
C ASP B 39 -29.37 20.26 13.80
N GLU B 40 -30.16 20.59 12.77
CA GLU B 40 -30.57 19.63 11.77
C GLU B 40 -29.43 19.69 10.77
N LEU B 41 -29.25 20.86 10.18
CA LEU B 41 -28.21 21.06 9.19
C LEU B 41 -26.93 20.46 9.74
N ASP B 42 -26.71 20.57 11.04
CA ASP B 42 -25.48 19.99 11.58
C ASP B 42 -25.44 18.50 11.32
N ARG B 43 -26.56 17.81 11.58
CA ARG B 43 -26.63 16.37 11.40
C ARG B 43 -26.41 15.86 10.00
N CYS B 44 -26.85 16.63 9.01
CA CYS B 44 -26.66 16.23 7.63
C CYS B 44 -25.18 16.01 7.38
N CYS B 45 -24.35 16.68 8.18
CA CYS B 45 -22.90 16.55 8.10
C CYS B 45 -22.45 15.26 8.81
N GLN B 46 -23.12 14.88 9.89
CA GLN B 46 -22.77 13.64 10.59
C GLN B 46 -23.23 12.43 9.77
N THR B 47 -24.07 12.71 8.77
CA THR B 47 -24.57 11.65 7.89
C THR B 47 -23.54 11.41 6.80
N HIS B 48 -22.98 12.52 6.29
CA HIS B 48 -21.95 12.48 5.27
C HIS B 48 -20.80 11.70 5.88
N ASP B 49 -20.60 11.88 7.19
CA ASP B 49 -19.56 11.18 7.92
C ASP B 49 -19.83 9.68 7.92
N TYR B 50 -21.11 9.31 7.92
CA TYR B 50 -21.50 7.93 7.93
C TYR B 50 -21.32 7.36 6.55
N CYS B 51 -21.88 8.03 5.53
CA CYS B 51 -21.68 7.54 4.18
C CYS B 51 -20.16 7.47 3.86
N TYR B 52 -19.44 8.57 4.09
CA TYR B 52 -17.99 8.65 3.82
C TYR B 52 -17.14 7.66 4.61
N ASP B 53 -17.61 7.23 5.78
CA ASP B 53 -16.88 6.26 6.60
C ASP B 53 -17.26 4.87 6.10
N LYS B 54 -18.27 4.88 5.23
CA LYS B 54 -18.83 3.70 4.60
C LYS B 54 -18.19 3.42 3.24
N ALA B 55 -17.97 4.49 2.47
CA ALA B 55 -17.36 4.40 1.15
C ALA B 55 -15.92 3.86 1.23
N LYS B 56 -15.31 4.00 2.40
CA LYS B 56 -13.98 3.47 2.58
C LYS B 56 -14.16 1.97 2.76
N ILE B 57 -15.11 1.60 3.63
CA ILE B 57 -15.39 0.20 3.89
C ILE B 57 -16.02 -0.39 2.65
N HIS B 58 -16.76 0.45 1.92
CA HIS B 58 -17.44 0.05 0.69
C HIS B 58 -16.62 -0.92 -0.14
N PRO B 59 -16.96 -2.20 -0.11
CA PRO B 59 -16.25 -3.24 -0.85
C PRO B 59 -16.33 -3.06 -2.37
N GLU B 60 -15.47 -2.19 -2.91
CA GLU B 60 -15.43 -1.95 -4.34
C GLU B 60 -14.73 -0.62 -4.61
N CYS B 61 -14.08 -0.11 -3.57
CA CYS B 61 -13.31 1.13 -3.64
C CYS B 61 -11.91 0.62 -3.26
N ARG B 62 -11.21 0.09 -4.25
CA ARG B 62 -9.90 -0.55 -4.09
C ARG B 62 -8.56 0.20 -4.11
N GLY B 63 -8.18 0.74 -5.27
CA GLY B 63 -6.87 1.38 -5.37
C GLY B 63 -6.61 2.87 -5.24
N ILE B 64 -5.72 3.32 -6.12
CA ILE B 64 -5.27 4.70 -6.17
C ILE B 64 -6.35 5.74 -6.43
N LEU B 65 -6.60 6.58 -5.41
CA LEU B 65 -7.60 7.64 -5.49
C LEU B 65 -9.03 7.11 -5.63
N SER B 66 -9.43 6.31 -4.65
CA SER B 66 -10.78 5.73 -4.61
C SER B 66 -11.42 6.17 -3.27
N GLY B 67 -10.68 7.00 -2.52
CA GLY B 67 -11.14 7.51 -1.25
C GLY B 67 -12.27 8.48 -1.48
N PRO B 68 -13.08 8.79 -0.46
CA PRO B 68 -14.18 9.74 -0.69
C PRO B 68 -13.72 11.08 -1.21
N SER B 69 -12.70 11.65 -0.56
CA SER B 69 -12.16 12.95 -0.90
C SER B 69 -11.38 13.11 -2.20
N PHE B 70 -10.75 12.04 -2.67
CA PHE B 70 -9.97 12.14 -3.89
C PHE B 70 -10.51 11.44 -5.11
N ASN B 71 -11.60 10.69 -4.96
CA ASN B 71 -12.18 9.96 -6.09
C ASN B 71 -13.03 10.91 -6.94
N THR B 72 -12.53 11.26 -8.12
CA THR B 72 -13.20 12.18 -9.03
C THR B 72 -14.35 11.56 -9.81
N TYR B 73 -15.58 11.96 -9.48
CA TYR B 73 -16.76 11.41 -10.16
C TYR B 73 -17.32 12.28 -11.26
N ALA B 74 -18.33 11.75 -11.95
CA ALA B 74 -18.99 12.47 -13.01
C ALA B 74 -20.39 12.87 -12.54
N TYR B 75 -20.65 14.17 -12.50
CA TYR B 75 -21.93 14.69 -12.07
C TYR B 75 -22.36 15.83 -12.96
N ASP B 76 -23.61 16.25 -12.80
CA ASP B 76 -24.14 17.35 -13.57
C ASP B 76 -25.05 18.18 -12.70
N CYS B 77 -24.97 19.48 -12.88
CA CYS B 77 -25.85 20.39 -12.17
C CYS B 77 -26.16 21.46 -13.19
N THR B 78 -27.38 21.44 -13.68
CA THR B 78 -27.82 22.44 -14.64
C THR B 78 -29.13 22.92 -14.02
N ASP B 79 -29.38 24.23 -14.11
CA ASP B 79 -30.57 24.78 -13.49
C ASP B 79 -30.27 24.67 -12.00
N GLY B 80 -31.13 24.03 -11.22
CA GLY B 80 -30.83 23.97 -9.79
C GLY B 80 -30.95 22.65 -9.07
N LYS B 81 -30.32 21.62 -9.61
CA LYS B 81 -30.35 20.30 -8.99
C LYS B 81 -29.24 19.43 -9.57
N LEU B 82 -28.75 18.51 -8.76
CA LEU B 82 -27.66 17.65 -9.17
C LEU B 82 -28.08 16.22 -9.55
N THR B 83 -27.25 15.60 -10.38
CA THR B 83 -27.44 14.22 -10.83
C THR B 83 -26.02 13.71 -11.08
N CYS B 84 -25.83 12.39 -10.95
CA CYS B 84 -24.54 11.75 -11.18
C CYS B 84 -24.53 10.97 -12.50
N ASN B 85 -23.45 11.12 -13.26
CA ASN B 85 -23.36 10.48 -14.55
C ASN B 85 -22.57 9.16 -14.67
N ASP B 86 -21.66 8.88 -13.74
CA ASP B 86 -20.93 7.60 -13.81
C ASP B 86 -21.99 6.50 -13.93
N GLN B 87 -21.60 5.32 -14.40
CA GLN B 87 -22.52 4.20 -14.53
C GLN B 87 -21.66 3.04 -14.95
N LYS B 88 -21.05 2.39 -13.95
CA LYS B 88 -20.15 1.27 -14.17
C LYS B 88 -19.30 1.18 -12.92
N ASP B 89 -18.76 2.33 -12.56
CA ASP B 89 -17.93 2.43 -11.39
C ASP B 89 -18.79 2.76 -10.18
N LYS B 90 -19.54 1.77 -9.73
CA LYS B 90 -20.43 1.93 -8.60
C LYS B 90 -19.83 2.67 -7.38
N CYS B 91 -18.54 2.48 -7.12
CA CYS B 91 -17.91 3.17 -5.98
C CYS B 91 -17.93 4.68 -6.23
N LYS B 92 -17.69 5.09 -7.48
CA LYS B 92 -17.70 6.50 -7.83
C LYS B 92 -19.11 7.09 -7.78
N LEU B 93 -20.11 6.23 -7.75
CA LEU B 93 -21.48 6.68 -7.68
C LEU B 93 -21.97 6.67 -6.25
N PHE B 94 -21.47 5.73 -5.46
CA PHE B 94 -21.86 5.71 -4.06
C PHE B 94 -21.33 7.02 -3.46
N ILE B 95 -20.22 7.52 -4.02
CA ILE B 95 -19.61 8.77 -3.57
C ILE B 95 -20.38 9.97 -4.15
N CYS B 96 -20.56 10.01 -5.46
CA CYS B 96 -21.28 11.11 -6.06
C CYS B 96 -22.73 11.18 -5.59
N ASN B 97 -23.26 10.11 -5.03
CA ASN B 97 -24.64 10.16 -4.56
C ASN B 97 -24.71 10.45 -3.07
N CYS B 98 -23.58 10.77 -2.47
CA CYS B 98 -23.54 11.12 -1.07
C CYS B 98 -23.23 12.61 -0.99
N ASP B 99 -22.92 13.15 -2.16
CA ASP B 99 -22.60 14.55 -2.28
C ASP B 99 -23.84 15.23 -2.79
N ARG B 100 -24.60 14.52 -3.63
CA ARG B 100 -25.82 15.08 -4.17
C ARG B 100 -26.90 14.96 -3.09
N THR B 101 -26.77 13.95 -2.24
CA THR B 101 -27.71 13.77 -1.14
C THR B 101 -27.41 14.86 -0.11
N ALA B 102 -26.13 15.03 0.20
CA ALA B 102 -25.69 16.01 1.19
C ALA B 102 -26.01 17.45 0.80
N ALA B 103 -25.48 17.88 -0.34
CA ALA B 103 -25.69 19.24 -0.82
C ALA B 103 -27.15 19.64 -0.86
N MET B 104 -27.99 18.71 -1.31
CA MET B 104 -29.41 18.97 -1.39
C MET B 104 -29.99 19.18 0.00
N CYS B 105 -29.55 18.41 1.00
CA CYS B 105 -30.06 18.60 2.37
C CYS B 105 -29.77 20.04 2.76
N PHE B 106 -28.50 20.41 2.64
CA PHE B 106 -28.01 21.74 2.98
C PHE B 106 -28.92 22.83 2.43
N ALA B 107 -29.49 22.60 1.25
CA ALA B 107 -30.37 23.59 0.68
C ALA B 107 -31.60 23.72 1.57
N LYS B 108 -31.96 22.62 2.22
CA LYS B 108 -33.12 22.59 3.10
C LYS B 108 -32.86 23.13 4.50
N ALA B 109 -32.39 22.27 5.40
CA ALA B 109 -32.13 22.67 6.79
C ALA B 109 -31.90 24.18 6.99
N PRO B 110 -32.72 24.80 7.86
CA PRO B 110 -32.60 26.23 8.13
C PRO B 110 -31.23 26.57 8.71
N TYR B 111 -30.59 27.61 8.18
CA TYR B 111 -29.27 28.00 8.70
C TYR B 111 -29.42 28.74 10.04
N LYS B 112 -28.66 28.31 11.04
CA LYS B 112 -28.75 28.93 12.34
C LYS B 112 -27.37 29.38 12.78
N GLU B 113 -26.98 30.58 12.36
CA GLU B 113 -25.66 31.12 12.70
C GLU B 113 -25.48 31.06 14.20
N GLU B 114 -26.59 30.90 14.90
CA GLU B 114 -26.59 30.79 16.36
C GLU B 114 -25.89 29.49 16.71
N ASN B 115 -25.84 28.59 15.73
CA ASN B 115 -25.23 27.28 15.93
C ASN B 115 -23.96 26.95 15.16
N ASN B 116 -22.92 27.79 15.27
CA ASN B 116 -21.66 27.50 14.57
C ASN B 116 -20.41 28.12 15.22
N ARG B 117 -19.35 27.31 15.31
CA ARG B 117 -18.06 27.70 15.88
C ARG B 117 -18.06 27.58 17.41
N ILE B 118 -18.33 26.38 17.92
CA ILE B 118 -18.35 26.20 19.39
C ILE B 118 -17.68 24.91 19.86
N ASP B 119 -17.64 24.70 21.17
CA ASP B 119 -17.00 23.50 21.74
C ASP B 119 -17.87 22.85 22.81
N ALA B 120 -17.95 21.51 22.78
CA ALA B 120 -18.73 20.71 23.74
C ALA B 120 -19.24 19.44 23.04
N SER B 121 -18.61 18.31 23.35
CA SER B 121 -18.93 17.01 22.77
C SER B 121 -20.42 16.74 22.55
S SO4 C . 17.58 -23.12 -15.77
O1 SO4 C . 16.63 -24.22 -15.54
O2 SO4 C . 18.10 -23.20 -17.15
O3 SO4 C . 16.87 -21.84 -15.55
O4 SO4 C . 18.71 -23.23 -14.83
S SO4 D . 16.91 -12.10 -15.60
O1 SO4 D . 15.80 -11.86 -14.68
O2 SO4 D . 17.52 -13.41 -15.30
O3 SO4 D . 16.42 -12.10 -16.98
O4 SO4 D . 17.93 -11.05 -15.43
#